data_3NCJ
#
_entry.id   3NCJ
#
_cell.length_a   54.550
_cell.length_b   74.700
_cell.length_c   65.390
_cell.angle_alpha   90.00
_cell.angle_beta   104.23
_cell.angle_gamma   90.00
#
_symmetry.space_group_name_H-M   'P 1 21 1'
#
loop_
_entity.id
_entity.type
_entity.pdbx_description
1 polymer 'Fab15 Mut8 light chain'
2 polymer 'Fab15 Mut8 heavy chain'
3 non-polymer 'ZINC ION'
4 non-polymer 'ACETATE ION'
5 non-polymer GLYCEROL
6 water water
#
loop_
_entity_poly.entity_id
_entity_poly.type
_entity_poly.pdbx_seq_one_letter_code
_entity_poly.pdbx_strand_id
1 'polypeptide(L)'
;DIQMTQSPSSLSASVGDRVTITCRASQSIGLYLAWYQQKPGKAPKLLIYAASSLQSGVPSRFSGSGSGTDFTLTISSLQP
EDFATYYCQQGNTLPYTFGQGTKVEIKRTVAAPSVFIFPPSDEQLKSGTASVVCLLNNFYPREAKVQWKVDNALQSGNSQ
ESVTEQDSKDSTYSLSSTLTLSKADYEKHKVYACEVTHQGLSSPVTKSFNRGEC
;
L
2 'polypeptide(L)'
;EVQLVQSGAEVKKPGESLKISCKGSGYSFTNYWISWVRQMPGKGLEWMGFIDPSDSYTNYAPSFQGQVTISADKSISTAY
LQWSSLKASDTAMYYCARQLYQGYMDTFDSWGQGTLVTVSSASTKGPSVFPLAPCSRSTSESTAALGCLVKDYFPEPVTV
SWNSGALTSGVHTFPAVLQSSGLYSLSSVVTVPSSSLGTKTYTCNVDHKPSNTKVDKRVHHHHHH
;
H
#
loop_
_chem_comp.id
_chem_comp.type
_chem_comp.name
_chem_comp.formula
ACT non-polymer 'ACETATE ION' 'C2 H3 O2 -1'
GOL non-polymer GLYCEROL 'C3 H8 O3'
ZN non-polymer 'ZINC ION' 'Zn 2'
#
# COMPACT_ATOMS: atom_id res chain seq x y z
N ASP A 1 -27.07 7.85 -2.46
CA ASP A 1 -26.21 9.03 -2.53
C ASP A 1 -25.95 9.60 -1.13
N ILE A 2 -25.69 8.72 -0.18
CA ILE A 2 -25.34 9.17 1.16
C ILE A 2 -23.82 9.12 1.30
N GLN A 3 -23.21 10.29 1.51
CA GLN A 3 -21.76 10.36 1.64
C GLN A 3 -21.35 10.20 3.10
N MET A 4 -20.41 9.29 3.35
CA MET A 4 -19.94 9.04 4.71
C MET A 4 -18.57 9.67 4.88
N THR A 5 -18.40 10.49 5.90
CA THR A 5 -17.12 11.14 6.17
C THR A 5 -16.55 10.80 7.53
N GLN A 6 -15.36 10.21 7.55
CA GLN A 6 -14.70 9.83 8.78
C GLN A 6 -13.66 10.86 9.19
N SER A 7 -13.47 11.02 10.49
CA SER A 7 -12.39 11.83 10.99
C SER A 7 -11.84 11.23 12.28
N PRO A 8 -10.53 11.36 12.50
CA PRO A 8 -9.53 11.88 11.55
C PRO A 8 -9.23 10.85 10.45
N SER A 9 -8.45 11.23 9.44
CA SER A 9 -8.03 10.28 8.42
C SER A 9 -7.00 9.29 8.98
N SER A 10 -6.23 9.75 9.95
CA SER A 10 -5.28 8.89 10.65
C SER A 10 -4.99 9.46 12.03
N LEU A 11 -4.53 8.60 12.92
CA LEU A 11 -4.14 9.03 14.25
C LEU A 11 -3.10 8.07 14.77
N SER A 12 -2.32 8.53 15.73
CA SER A 12 -1.32 7.70 16.37
C SER A 12 -1.69 7.50 17.82
N ALA A 13 -1.63 6.27 18.27
CA ALA A 13 -2.06 5.95 19.62
C ALA A 13 -1.15 4.90 20.26
N SER A 14 -1.24 4.77 21.57
CA SER A 14 -0.40 3.83 22.30
C SER A 14 -1.28 2.72 22.82
N VAL A 15 -0.68 1.54 22.98
CA VAL A 15 -1.36 0.42 23.61
C VAL A 15 -1.84 0.88 24.98
N GLY A 16 -3.11 0.61 25.27
CA GLY A 16 -3.74 1.05 26.51
C GLY A 16 -4.61 2.29 26.36
N ASP A 17 -4.46 3.00 25.24
CA ASP A 17 -5.20 4.24 25.00
C ASP A 17 -6.67 3.99 24.71
N ARG A 18 -7.50 4.98 25.05
CA ARG A 18 -8.88 5.01 24.60
C ARG A 18 -8.92 5.79 23.30
N VAL A 19 -9.28 5.11 22.22
CA VAL A 19 -9.26 5.72 20.89
C VAL A 19 -10.68 5.98 20.41
N THR A 20 -10.96 7.17 19.90
CA THR A 20 -12.27 7.46 19.33
C THR A 20 -12.16 7.91 17.88
N ILE A 21 -12.98 7.31 17.02
CA ILE A 21 -13.03 7.65 15.61
C ILE A 21 -14.45 8.04 15.27
N THR A 22 -14.62 9.08 14.47
CA THR A 22 -15.97 9.57 14.17
C THR A 22 -16.38 9.36 12.72
N CYS A 23 -17.69 9.26 12.51
CA CYS A 23 -18.25 9.03 11.19
C CYS A 23 -19.47 9.91 11.06
N ARG A 24 -19.54 10.67 9.98
CA ARG A 24 -20.69 11.55 9.78
C ARG A 24 -21.35 11.25 8.45
N ALA A 25 -22.68 11.17 8.45
CA ALA A 25 -23.44 10.92 7.23
C ALA A 25 -24.01 12.24 6.71
N SER A 26 -24.11 12.34 5.38
CA SER A 26 -24.59 13.56 4.73
C SER A 26 -26.10 13.76 4.93
N GLN A 27 -26.78 12.69 5.35
CA GLN A 27 -28.17 12.78 5.77
C GLN A 27 -28.45 11.70 6.79
N SER A 28 -29.57 11.79 7.49
CA SER A 28 -29.85 10.79 8.53
C SER A 28 -29.82 9.36 8.00
N ILE A 29 -29.20 8.47 8.78
CA ILE A 29 -29.23 7.04 8.49
C ILE A 29 -29.81 6.25 9.68
N GLY A 30 -30.45 6.97 10.60
CA GLY A 30 -31.01 6.33 11.78
C GLY A 30 -29.92 5.61 12.54
N LEU A 31 -30.12 4.32 12.81
CA LEU A 31 -29.11 3.53 13.50
C LEU A 31 -28.29 2.66 12.55
N TYR A 32 -28.53 2.77 11.24
CA TYR A 32 -28.01 1.78 10.30
C TYR A 32 -26.59 2.04 9.84
N LEU A 33 -25.67 1.94 10.80
CA LEU A 33 -24.26 2.19 10.56
C LEU A 33 -23.47 0.99 11.06
N ALA A 34 -22.51 0.53 10.26
CA ALA A 34 -21.62 -0.54 10.69
C ALA A 34 -20.16 -0.11 10.63
N TRP A 35 -19.34 -0.77 11.43
CA TRP A 35 -17.89 -0.52 11.43
C TRP A 35 -17.14 -1.79 11.05
N TYR A 36 -16.10 -1.62 10.22
CA TYR A 36 -15.22 -2.70 9.78
C TYR A 36 -13.78 -2.38 10.10
N GLN A 37 -12.99 -3.43 10.34
CA GLN A 37 -11.53 -3.31 10.51
C GLN A 37 -10.82 -3.98 9.35
N GLN A 38 -9.76 -3.37 8.83
CA GLN A 38 -8.99 -4.02 7.77
C GLN A 38 -7.49 -3.80 8.00
N LYS A 39 -6.73 -4.87 7.85
CA LYS A 39 -5.28 -4.83 7.91
C LYS A 39 -4.69 -5.02 6.51
N PRO A 40 -3.46 -4.53 6.29
CA PRO A 40 -2.86 -4.58 4.95
C PRO A 40 -2.92 -5.97 4.33
N GLY A 41 -3.45 -6.05 3.11
CA GLY A 41 -3.50 -7.29 2.37
C GLY A 41 -4.65 -8.21 2.73
N LYS A 42 -5.30 -7.94 3.87
CA LYS A 42 -6.37 -8.81 4.37
C LYS A 42 -7.77 -8.29 4.09
N ALA A 43 -8.73 -9.19 4.14
CA ALA A 43 -10.12 -8.79 4.01
C ALA A 43 -10.63 -8.04 5.26
N PRO A 44 -11.58 -7.13 5.06
CA PRO A 44 -12.22 -6.43 6.18
C PRO A 44 -12.94 -7.41 7.09
N LYS A 45 -13.15 -6.99 8.34
CA LYS A 45 -13.85 -7.79 9.34
C LYS A 45 -14.89 -6.91 10.00
N LEU A 46 -16.11 -7.43 10.14
CA LEU A 46 -17.21 -6.71 10.77
C LEU A 46 -17.01 -6.61 12.28
N LEU A 47 -17.13 -5.40 12.83
CA LEU A 47 -17.00 -5.19 14.28
C LEU A 47 -18.31 -4.88 14.98
N ILE A 48 -19.05 -3.92 14.41
CA ILE A 48 -20.22 -3.32 15.01
C ILE A 48 -21.27 -3.13 13.93
N TYR A 49 -22.53 -3.39 14.25
CA TYR A 49 -23.62 -3.09 13.31
C TYR A 49 -24.74 -2.39 14.07
N ALA A 50 -25.64 -1.75 13.32
CA ALA A 50 -26.74 -1.00 13.93
C ALA A 50 -26.24 -0.01 14.98
N ALA A 51 -25.12 0.64 14.65
CA ALA A 51 -24.46 1.67 15.43
C ALA A 51 -23.77 1.19 16.72
N SER A 52 -24.39 0.28 17.44
CA SER A 52 -23.89 -0.08 18.76
C SER A 52 -23.91 -1.57 19.08
N SER A 53 -24.33 -2.39 18.13
CA SER A 53 -24.36 -3.83 18.36
C SER A 53 -23.02 -4.46 18.01
N LEU A 54 -22.49 -5.24 18.95
CA LEU A 54 -21.22 -5.91 18.76
C LEU A 54 -21.38 -7.24 18.02
N GLN A 55 -20.66 -7.40 16.91
CA GLN A 55 -20.65 -8.64 16.15
C GLN A 55 -20.08 -9.82 16.97
N SER A 56 -20.71 -10.99 16.83
CA SER A 56 -20.27 -12.17 17.56
C SER A 56 -18.77 -12.42 17.40
N GLY A 57 -18.10 -12.68 18.51
CA GLY A 57 -16.67 -12.98 18.47
C GLY A 57 -15.74 -11.78 18.55
N VAL A 58 -16.29 -10.57 18.47
CA VAL A 58 -15.48 -9.36 18.54
C VAL A 58 -15.30 -8.92 20.00
N PRO A 59 -14.05 -8.57 20.38
CA PRO A 59 -13.76 -8.19 21.77
C PRO A 59 -14.61 -7.01 22.23
N SER A 60 -15.05 -7.04 23.48
CA SER A 60 -15.95 -6.00 23.98
C SER A 60 -15.29 -4.64 24.18
N ARG A 61 -13.97 -4.56 23.96
CA ARG A 61 -13.28 -3.26 24.02
C ARG A 61 -13.69 -2.36 22.85
N PHE A 62 -14.30 -2.97 21.84
CA PHE A 62 -14.89 -2.22 20.73
C PHE A 62 -16.33 -1.86 21.04
N SER A 63 -16.66 -0.59 20.95
CA SER A 63 -18.04 -0.17 21.14
C SER A 63 -18.40 0.94 20.16
N GLY A 64 -19.69 1.07 19.88
CA GLY A 64 -20.15 2.07 18.94
C GLY A 64 -21.29 2.86 19.54
N SER A 65 -21.40 4.12 19.15
CA SER A 65 -22.49 4.95 19.63
C SER A 65 -22.93 5.87 18.51
N GLY A 66 -24.10 6.49 18.69
CA GLY A 66 -24.57 7.48 17.74
C GLY A 66 -25.87 7.10 17.07
N SER A 67 -26.47 8.07 16.40
CA SER A 67 -27.73 7.87 15.70
C SER A 67 -27.90 9.08 14.80
N GLY A 68 -28.69 8.92 13.73
CA GLY A 68 -28.94 10.06 12.86
C GLY A 68 -27.80 10.31 11.89
N THR A 69 -26.98 11.33 12.17
CA THR A 69 -25.90 11.68 11.26
C THR A 69 -24.50 11.56 11.86
N ASP A 70 -24.42 11.42 13.19
CA ASP A 70 -23.12 11.44 13.87
C ASP A 70 -22.86 10.17 14.68
N PHE A 71 -21.74 9.51 14.38
CA PHE A 71 -21.43 8.22 15.01
C PHE A 71 -19.99 8.16 15.47
N THR A 72 -19.73 7.30 16.44
CA THR A 72 -18.40 7.13 17.00
CA THR A 72 -18.37 7.11 16.93
C THR A 72 -18.07 5.66 17.24
N LEU A 73 -16.86 5.25 16.87
CA LEU A 73 -16.32 3.96 17.26
C LEU A 73 -15.31 4.24 18.37
N THR A 74 -15.45 3.55 19.49
CA THR A 74 -14.51 3.71 20.58
C THR A 74 -13.78 2.40 20.83
N ILE A 75 -12.47 2.47 20.93
CA ILE A 75 -11.72 1.30 21.33
C ILE A 75 -11.13 1.60 22.70
N SER A 76 -11.60 0.90 23.72
CA SER A 76 -11.03 1.05 25.05
CA SER A 76 -11.01 1.06 25.04
C SER A 76 -9.75 0.21 25.16
N SER A 77 -8.77 0.70 25.89
CA SER A 77 -7.49 0.02 26.05
C SER A 77 -7.08 -0.65 24.75
N LEU A 78 -6.64 0.18 23.83
CA LEU A 78 -6.15 -0.28 22.54
C LEU A 78 -5.11 -1.40 22.72
N GLN A 79 -5.24 -2.46 21.93
CA GLN A 79 -4.29 -3.57 21.99
C GLN A 79 -3.41 -3.62 20.73
N PRO A 80 -2.28 -4.33 20.81
CA PRO A 80 -1.35 -4.40 19.68
C PRO A 80 -2.02 -4.86 18.39
N GLU A 81 -2.99 -5.76 18.51
CA GLU A 81 -3.68 -6.28 17.32
C GLU A 81 -4.67 -5.29 16.70
N ASP A 82 -4.84 -4.12 17.33
CA ASP A 82 -5.83 -3.14 16.88
C ASP A 82 -5.30 -2.07 15.93
N PHE A 83 -3.98 -2.03 15.72
CA PHE A 83 -3.43 -1.10 14.74
C PHE A 83 -3.83 -1.60 13.37
N ALA A 84 -4.61 -0.78 12.68
CA ALA A 84 -5.35 -1.18 11.48
C ALA A 84 -6.11 0.01 10.92
N THR A 85 -6.78 -0.21 9.80
CA THR A 85 -7.67 0.81 9.26
C THR A 85 -9.11 0.44 9.59
N TYR A 86 -9.91 1.45 9.94
CA TYR A 86 -11.32 1.27 10.29
C TYR A 86 -12.23 2.03 9.34
N TYR A 87 -13.29 1.37 8.87
CA TYR A 87 -14.22 1.97 7.92
C TYR A 87 -15.62 1.94 8.51
N CYS A 88 -16.37 3.04 8.37
CA CYS A 88 -17.81 3.00 8.65
C CYS A 88 -18.55 2.74 7.36
N GLN A 89 -19.79 2.23 7.47
CA GLN A 89 -20.59 1.93 6.30
C GLN A 89 -22.06 2.13 6.63
N GLN A 90 -22.77 2.90 5.81
CA GLN A 90 -24.22 3.03 6.03
C GLN A 90 -25.01 1.98 5.27
N GLY A 91 -26.02 1.43 5.94
CA GLY A 91 -26.91 0.46 5.33
C GLY A 91 -28.35 0.93 5.48
N ASN A 92 -28.53 2.25 5.55
CA ASN A 92 -29.87 2.81 5.55
C ASN A 92 -30.58 2.61 4.21
N THR A 93 -29.91 3.03 3.13
CA THR A 93 -30.51 2.94 1.80
C THR A 93 -29.45 2.66 0.74
N LEU A 94 -29.87 2.05 -0.36
CA LEU A 94 -28.98 1.80 -1.49
C LEU A 94 -28.73 3.10 -2.23
N PRO A 95 -27.52 3.27 -2.80
CA PRO A 95 -26.43 2.30 -2.73
C PRO A 95 -25.73 2.35 -1.36
N TYR A 96 -25.30 1.20 -0.88
CA TYR A 96 -24.52 1.18 0.36
C TYR A 96 -23.22 1.94 0.13
N THR A 97 -22.78 2.67 1.14
CA THR A 97 -21.60 3.52 1.00
C THR A 97 -20.71 3.44 2.23
N PHE A 98 -19.40 3.55 2.01
CA PHE A 98 -18.40 3.48 3.06
C PHE A 98 -17.76 4.86 3.30
N GLY A 99 -17.31 5.09 4.53
CA GLY A 99 -16.45 6.23 4.83
C GLY A 99 -15.07 5.94 4.25
N GLN A 100 -14.20 6.96 4.26
CA GLN A 100 -12.93 6.84 3.55
C GLN A 100 -11.82 6.12 4.33
N GLY A 101 -12.12 5.78 5.59
CA GLY A 101 -11.19 5.05 6.41
C GLY A 101 -10.42 5.93 7.38
N THR A 102 -10.13 5.35 8.55
CA THR A 102 -9.25 5.99 9.52
C THR A 102 -8.15 5.00 9.88
N LYS A 103 -6.89 5.40 9.66
CA LYS A 103 -5.77 4.52 9.98
C LYS A 103 -5.27 4.78 11.40
N VAL A 104 -5.28 3.74 12.23
CA VAL A 104 -4.78 3.82 13.60
C VAL A 104 -3.34 3.32 13.64
N GLU A 105 -2.42 4.24 13.87
CA GLU A 105 -0.99 3.96 13.82
C GLU A 105 -0.37 3.98 15.22
N ILE A 106 0.87 3.50 15.33
CA ILE A 106 1.54 3.41 16.62
C ILE A 106 2.31 4.66 17.03
N LYS A 107 1.96 5.23 18.17
CA LYS A 107 2.64 6.40 18.69
C LYS A 107 4.00 6.04 19.26
N ARG A 108 4.99 6.87 18.95
CA ARG A 108 6.29 6.78 19.59
C ARG A 108 6.93 8.15 19.64
N THR A 109 8.13 8.22 20.21
CA THR A 109 8.83 9.50 20.33
C THR A 109 9.36 9.93 18.96
N VAL A 110 9.61 11.22 18.82
CA VAL A 110 10.17 11.76 17.59
C VAL A 110 11.55 11.14 17.34
N ALA A 111 11.82 10.83 16.07
CA ALA A 111 13.10 10.27 15.67
C ALA A 111 13.50 10.90 14.34
N ALA A 112 14.65 11.56 14.32
CA ALA A 112 15.10 12.18 13.07
C ALA A 112 15.59 11.10 12.11
N PRO A 113 15.36 11.30 10.82
CA PRO A 113 15.87 10.33 9.84
C PRO A 113 17.38 10.42 9.73
N SER A 114 18.03 9.30 9.44
CA SER A 114 19.38 9.36 8.88
C SER A 114 19.20 9.45 7.38
N VAL A 115 19.98 10.30 6.72
CA VAL A 115 19.73 10.56 5.31
C VAL A 115 20.96 10.14 4.50
N PHE A 116 20.70 9.54 3.34
CA PHE A 116 21.75 9.04 2.46
C PHE A 116 21.39 9.37 1.04
N ILE A 117 22.39 9.71 0.23
CA ILE A 117 22.19 9.92 -1.20
C ILE A 117 23.02 8.91 -1.97
N PHE A 118 22.45 8.38 -3.05
CA PHE A 118 23.13 7.40 -3.90
C PHE A 118 23.16 7.88 -5.33
N PRO A 119 24.35 7.93 -5.92
CA PRO A 119 24.42 8.31 -7.33
C PRO A 119 23.93 7.19 -8.23
N PRO A 120 23.66 7.51 -9.51
CA PRO A 120 23.31 6.45 -10.45
C PRO A 120 24.52 5.53 -10.68
N SER A 121 24.22 4.27 -10.97
CA SER A 121 25.23 3.29 -11.29
C SER A 121 25.76 3.43 -12.71
N ASP A 122 27.00 3.02 -12.91
CA ASP A 122 27.55 3.07 -14.26
C ASP A 122 26.79 2.16 -15.22
N GLU A 123 26.35 1.00 -14.72
CA GLU A 123 25.56 0.08 -15.53
C GLU A 123 24.28 0.75 -16.02
N GLN A 124 23.59 1.48 -15.13
CA GLN A 124 22.36 2.14 -15.57
C GLN A 124 22.66 3.23 -16.59
N LEU A 125 23.70 4.03 -16.32
CA LEU A 125 24.06 5.13 -17.19
C LEU A 125 24.33 4.65 -18.61
N LYS A 126 24.98 3.50 -18.73
CA LYS A 126 25.28 2.92 -20.04
C LYS A 126 24.02 2.76 -20.90
N SER A 127 22.90 2.44 -20.24
CA SER A 127 21.61 2.21 -20.90
C SER A 127 20.82 3.50 -21.19
N GLY A 128 21.33 4.64 -20.75
CA GLY A 128 20.72 5.91 -21.11
C GLY A 128 19.90 6.66 -20.06
N THR A 129 19.86 6.14 -18.84
CA THR A 129 19.03 6.74 -17.79
C THR A 129 19.83 6.89 -16.50
N ALA A 130 19.49 7.92 -15.73
CA ALA A 130 20.12 8.18 -14.45
C ALA A 130 19.07 8.26 -13.36
N SER A 131 19.08 7.30 -12.44
CA SER A 131 18.23 7.35 -11.26
C SER A 131 19.10 7.73 -10.08
N VAL A 132 18.73 8.80 -9.38
CA VAL A 132 19.44 9.24 -8.17
C VAL A 132 18.48 8.98 -7.02
N VAL A 133 18.96 8.36 -5.95
CA VAL A 133 18.08 7.95 -4.87
C VAL A 133 18.45 8.61 -3.55
N CYS A 134 17.43 9.07 -2.83
CA CYS A 134 17.61 9.61 -1.50
CA CYS A 134 17.61 9.61 -1.50
C CYS A 134 16.87 8.71 -0.52
N LEU A 135 17.57 8.30 0.54
CA LEU A 135 16.97 7.43 1.57
C LEU A 135 16.88 8.18 2.89
N LEU A 136 15.69 8.13 3.50
CA LEU A 136 15.47 8.61 4.85
C LEU A 136 15.19 7.38 5.71
N ASN A 137 16.09 7.11 6.64
CA ASN A 137 16.03 5.86 7.40
C ASN A 137 15.51 6.07 8.83
N ASN A 138 14.46 5.32 9.19
CA ASN A 138 14.01 5.20 10.59
C ASN A 138 13.62 6.48 11.30
N PHE A 139 12.58 7.14 10.78
CA PHE A 139 12.14 8.41 11.33
C PHE A 139 10.71 8.33 11.86
N TYR A 140 10.36 9.30 12.69
CA TYR A 140 9.01 9.39 13.23
C TYR A 140 8.82 10.82 13.70
N PRO A 141 7.65 11.42 13.41
CA PRO A 141 6.48 10.87 12.69
C PRO A 141 6.66 10.76 11.18
N ARG A 142 5.60 10.37 10.48
CA ARG A 142 5.64 10.11 9.05
CA ARG A 142 5.64 10.10 9.05
C ARG A 142 5.89 11.35 8.19
N GLU A 143 5.41 12.50 8.64
CA GLU A 143 5.51 13.72 7.82
C GLU A 143 6.95 14.11 7.53
N ALA A 144 7.30 14.19 6.25
CA ALA A 144 8.66 14.52 5.86
C ALA A 144 8.65 15.17 4.48
N LYS A 145 9.53 16.13 4.27
CA LYS A 145 9.60 16.79 3.00
C LYS A 145 10.95 16.51 2.39
N VAL A 146 10.96 15.93 1.20
CA VAL A 146 12.20 15.65 0.48
C VAL A 146 12.19 16.51 -0.76
N GLN A 147 13.24 17.33 -0.92
CA GLN A 147 13.35 18.21 -2.08
C GLN A 147 14.65 17.91 -2.81
N TRP A 148 14.54 17.74 -4.12
CA TRP A 148 15.71 17.55 -4.98
C TRP A 148 16.16 18.86 -5.57
N LYS A 149 17.47 19.08 -5.55
CA LYS A 149 18.09 20.25 -6.20
C LYS A 149 19.17 19.75 -7.14
N VAL A 150 19.19 20.32 -8.34
CA VAL A 150 20.20 19.98 -9.32
C VAL A 150 20.84 21.30 -9.75
N ASP A 151 22.15 21.42 -9.61
CA ASP A 151 22.83 22.72 -9.75
C ASP A 151 22.07 23.80 -8.97
N ASN A 152 21.66 23.43 -7.75
CA ASN A 152 20.99 24.34 -6.83
C ASN A 152 19.65 24.88 -7.30
N ALA A 153 19.02 24.17 -8.24
CA ALA A 153 17.66 24.51 -8.66
C ALA A 153 16.68 23.43 -8.22
N LEU A 154 15.62 23.83 -7.52
CA LEU A 154 14.61 22.89 -7.05
C LEU A 154 13.96 22.16 -8.25
N GLN A 155 13.82 20.85 -8.12
CA GLN A 155 13.23 20.02 -9.17
C GLN A 155 11.76 19.78 -8.89
N SER A 156 10.98 19.61 -9.95
CA SER A 156 9.58 19.25 -9.81
C SER A 156 9.14 18.34 -10.96
N GLY A 157 8.34 17.33 -10.64
CA GLY A 157 7.78 16.49 -11.66
C GLY A 157 8.60 15.30 -12.10
N ASN A 158 9.85 15.21 -11.66
CA ASN A 158 10.74 14.15 -12.09
C ASN A 158 11.20 13.24 -10.95
N SER A 159 10.42 13.18 -9.87
CA SER A 159 10.75 12.26 -8.78
C SER A 159 9.50 11.53 -8.29
N GLN A 160 9.74 10.34 -7.73
CA GLN A 160 8.68 9.54 -7.11
C GLN A 160 9.19 9.03 -5.77
N GLU A 161 8.30 8.89 -4.80
CA GLU A 161 8.74 8.33 -3.54
C GLU A 161 7.78 7.30 -3.01
N SER A 162 8.29 6.50 -2.09
CA SER A 162 7.43 5.62 -1.33
C SER A 162 7.96 5.41 0.07
N VAL A 163 7.04 4.96 0.92
CA VAL A 163 7.29 4.91 2.35
C VAL A 163 6.90 3.54 2.88
N THR A 164 7.71 2.99 3.79
CA THR A 164 7.39 1.70 4.40
C THR A 164 6.28 1.85 5.45
N GLU A 165 5.65 0.73 5.78
CA GLU A 165 4.79 0.71 6.97
C GLU A 165 5.65 0.74 8.23
N GLN A 166 5.04 1.02 9.38
CA GLN A 166 5.85 1.14 10.59
C GLN A 166 6.65 -0.12 10.89
N ASP A 167 7.91 0.07 11.23
CA ASP A 167 8.82 -1.04 11.49
C ASP A 167 8.34 -1.86 12.68
N SER A 168 8.47 -3.18 12.57
CA SER A 168 7.90 -4.05 13.60
C SER A 168 8.66 -3.98 14.92
N LYS A 169 9.89 -3.46 14.88
CA LYS A 169 10.70 -3.36 16.09
C LYS A 169 10.70 -1.96 16.72
N ASP A 170 10.88 -0.93 15.90
CA ASP A 170 10.99 0.43 16.46
C ASP A 170 9.88 1.41 16.07
N SER A 171 8.88 0.92 15.33
CA SER A 171 7.71 1.71 14.95
C SER A 171 8.03 2.96 14.11
N THR A 172 9.21 2.99 13.49
CA THR A 172 9.56 4.11 12.62
C THR A 172 9.16 3.86 11.16
N TYR A 173 9.26 4.91 10.35
CA TYR A 173 9.05 4.85 8.90
C TYR A 173 10.39 5.00 8.25
N SER A 174 10.48 4.54 7.01
CA SER A 174 11.62 4.86 6.15
C SER A 174 11.04 5.28 4.80
N LEU A 175 11.80 6.08 4.04
CA LEU A 175 11.30 6.66 2.80
C LEU A 175 12.39 6.65 1.75
N SER A 176 12.01 6.35 0.52
CA SER A 176 12.93 6.35 -0.61
C SER A 176 12.37 7.30 -1.64
N SER A 177 13.20 8.17 -2.20
CA SER A 177 12.78 9.07 -3.26
C SER A 177 13.74 8.89 -4.42
N THR A 178 13.20 8.76 -5.63
CA THR A 178 14.03 8.53 -6.80
C THR A 178 13.85 9.68 -7.76
N LEU A 179 14.96 10.31 -8.12
CA LEU A 179 14.97 11.37 -9.12
C LEU A 179 15.43 10.70 -10.42
N THR A 180 14.67 10.88 -11.49
CA THR A 180 15.03 10.22 -12.75
C THR A 180 15.30 11.22 -13.88
N LEU A 181 16.50 11.16 -14.46
CA LEU A 181 16.85 12.01 -15.59
C LEU A 181 17.38 11.15 -16.73
N SER A 182 17.39 11.68 -17.95
CA SER A 182 18.09 11.01 -19.03
C SER A 182 19.59 11.11 -18.74
N LYS A 183 20.38 10.19 -19.30
CA LYS A 183 21.82 10.27 -19.16
C LYS A 183 22.33 11.61 -19.67
N ALA A 184 21.83 12.06 -20.82
CA ALA A 184 22.28 13.34 -21.39
C ALA A 184 22.03 14.51 -20.43
N ASP A 185 20.84 14.53 -19.82
CA ASP A 185 20.54 15.60 -18.86
C ASP A 185 21.40 15.47 -17.60
N TYR A 186 21.58 14.24 -17.10
CA TYR A 186 22.42 13.99 -15.92
C TYR A 186 23.83 14.53 -16.14
N GLU A 187 24.37 14.29 -17.33
CA GLU A 187 25.74 14.67 -17.64
C GLU A 187 25.94 16.16 -17.86
N LYS A 188 24.85 16.92 -17.97
CA LYS A 188 25.05 18.34 -18.15
C LYS A 188 25.20 19.12 -16.85
N HIS A 189 24.78 18.53 -15.73
CA HIS A 189 24.88 19.18 -14.42
C HIS A 189 26.01 18.67 -13.54
N LYS A 190 26.25 19.40 -12.46
CA LYS A 190 27.33 19.06 -11.54
C LYS A 190 26.82 18.60 -10.16
N VAL A 191 26.00 19.42 -9.53
CA VAL A 191 25.63 19.20 -8.14
C VAL A 191 24.26 18.52 -8.00
N TYR A 192 24.24 17.41 -7.29
CA TYR A 192 23.00 16.66 -7.05
C TYR A 192 22.76 16.62 -5.54
N ALA A 193 21.59 17.08 -5.13
CA ALA A 193 21.32 17.22 -3.70
C ALA A 193 19.90 16.85 -3.32
N CYS A 194 19.77 16.21 -2.17
CA CYS A 194 18.50 15.89 -1.57
CA CYS A 194 18.46 16.01 -1.62
C CYS A 194 18.41 16.65 -0.25
N GLU A 195 17.38 17.46 -0.08
CA GLU A 195 17.19 18.26 1.15
C GLU A 195 16.00 17.73 1.91
N VAL A 196 16.22 17.43 3.18
CA VAL A 196 15.19 16.78 3.99
C VAL A 196 14.74 17.68 5.14
N THR A 197 13.42 17.85 5.25
CA THR A 197 12.84 18.58 6.37
C THR A 197 12.01 17.61 7.19
N HIS A 198 12.20 17.64 8.50
CA HIS A 198 11.49 16.72 9.39
C HIS A 198 11.50 17.29 10.80
N GLN A 199 10.43 17.03 11.55
CA GLN A 199 10.28 17.56 12.91
C GLN A 199 11.49 17.25 13.81
N GLY A 200 12.13 16.11 13.59
CA GLY A 200 13.27 15.70 14.40
C GLY A 200 14.56 16.45 14.09
N LEU A 201 14.55 17.22 13.00
CA LEU A 201 15.72 17.99 12.58
C LEU A 201 15.56 19.47 12.92
N SER A 202 16.55 20.05 13.58
CA SER A 202 16.47 21.46 13.97
C SER A 202 16.50 22.39 12.76
N SER A 203 17.19 21.94 11.70
CA SER A 203 17.12 22.59 10.40
C SER A 203 17.24 21.54 9.30
N PRO A 204 16.85 21.90 8.07
CA PRO A 204 16.89 20.90 6.99
C PRO A 204 18.26 20.29 6.80
N VAL A 205 18.30 19.00 6.50
CA VAL A 205 19.54 18.29 6.24
C VAL A 205 19.70 18.05 4.75
N THR A 206 20.88 18.37 4.22
CA THR A 206 21.15 18.14 2.80
C THR A 206 22.28 17.13 2.61
N LYS A 207 22.04 16.13 1.77
CA LYS A 207 23.11 15.21 1.34
C LYS A 207 23.30 15.42 -0.14
N SER A 208 24.55 15.51 -0.58
CA SER A 208 24.78 15.83 -1.98
CA SER A 208 24.80 15.84 -1.98
C SER A 208 26.04 15.14 -2.50
N PHE A 209 26.20 15.14 -3.81
CA PHE A 209 27.45 14.75 -4.43
C PHE A 209 27.64 15.59 -5.70
N ASN A 210 28.88 15.67 -6.14
CA ASN A 210 29.18 16.32 -7.41
C ASN A 210 29.55 15.27 -8.45
N ARG A 211 28.91 15.32 -9.60
CA ARG A 211 29.27 14.40 -10.67
C ARG A 211 30.76 14.65 -11.00
N GLY A 212 31.55 13.59 -11.13
CA GLY A 212 32.97 13.73 -11.37
C GLY A 212 33.81 13.74 -10.10
N GLU A 213 33.16 13.84 -8.95
CA GLU A 213 33.85 13.87 -7.66
C GLU A 213 33.12 12.95 -6.70
N CYS A 214 32.62 11.86 -7.26
CA CYS A 214 31.83 10.92 -6.49
C CYS A 214 32.47 9.54 -6.55
N GLU B 1 -17.26 -23.96 9.25
CA GLU B 1 -17.37 -22.51 9.37
C GLU B 1 -17.75 -21.88 8.03
N VAL B 2 -18.30 -20.67 8.09
CA VAL B 2 -18.68 -19.95 6.88
C VAL B 2 -17.44 -19.47 6.16
N GLN B 3 -17.37 -19.76 4.87
CA GLN B 3 -16.18 -19.44 4.10
C GLN B 3 -16.54 -18.98 2.69
N LEU B 4 -15.90 -17.91 2.25
CA LEU B 4 -15.97 -17.46 0.87
C LEU B 4 -14.57 -17.48 0.29
N VAL B 5 -14.37 -18.26 -0.77
CA VAL B 5 -13.06 -18.39 -1.40
C VAL B 5 -13.11 -17.89 -2.84
N GLN B 6 -12.25 -16.94 -3.14
CA GLN B 6 -12.25 -16.29 -4.45
C GLN B 6 -11.18 -16.87 -5.36
N SER B 7 -11.37 -16.65 -6.65
CA SER B 7 -10.41 -17.10 -7.65
C SER B 7 -9.12 -16.29 -7.58
N GLY B 8 -8.08 -16.77 -8.24
CA GLY B 8 -6.75 -16.19 -8.12
C GLY B 8 -6.50 -14.89 -8.86
N ALA B 9 -5.36 -14.27 -8.56
CA ALA B 9 -5.02 -12.98 -9.13
C ALA B 9 -5.03 -13.01 -10.66
N GLU B 10 -5.39 -11.89 -11.26
CA GLU B 10 -5.50 -11.76 -12.71
C GLU B 10 -4.65 -10.59 -13.19
N VAL B 11 -3.96 -10.80 -14.30
CA VAL B 11 -3.27 -9.70 -14.98
C VAL B 11 -3.77 -9.69 -16.41
N LYS B 12 -4.38 -8.59 -16.82
CA LYS B 12 -5.05 -8.52 -18.11
C LYS B 12 -4.67 -7.26 -18.86
N LYS B 13 -5.00 -7.21 -20.15
CA LYS B 13 -4.83 -6.00 -20.96
C LYS B 13 -6.18 -5.32 -21.20
N PRO B 14 -6.14 -3.99 -21.43
CA PRO B 14 -7.40 -3.30 -21.73
C PRO B 14 -8.10 -3.95 -22.92
N GLY B 15 -9.42 -4.03 -22.85
CA GLY B 15 -10.20 -4.60 -23.93
C GLY B 15 -10.51 -6.07 -23.74
N GLU B 16 -9.77 -6.73 -22.84
CA GLU B 16 -10.02 -8.15 -22.58
C GLU B 16 -11.20 -8.33 -21.64
N SER B 17 -11.88 -9.46 -21.75
CA SER B 17 -12.97 -9.77 -20.83
C SER B 17 -12.39 -10.52 -19.64
N LEU B 18 -13.16 -10.58 -18.56
CA LEU B 18 -12.73 -11.24 -17.33
C LEU B 18 -13.94 -11.58 -16.47
N LYS B 19 -13.94 -12.78 -15.92
CA LYS B 19 -14.96 -13.21 -14.98
C LYS B 19 -14.24 -13.83 -13.78
N ILE B 20 -14.51 -13.30 -12.60
CA ILE B 20 -13.87 -13.79 -11.40
C ILE B 20 -14.93 -14.41 -10.49
N SER B 21 -14.51 -15.30 -9.60
CA SER B 21 -15.49 -16.12 -8.88
C SER B 21 -15.31 -16.08 -7.37
N CYS B 22 -16.37 -16.48 -6.68
CA CYS B 22 -16.44 -16.45 -5.22
C CYS B 22 -17.28 -17.66 -4.79
N LYS B 23 -16.62 -18.64 -4.19
CA LYS B 23 -17.28 -19.90 -3.84
C LYS B 23 -17.62 -19.92 -2.35
N GLY B 24 -18.88 -20.19 -2.01
CA GLY B 24 -19.27 -20.20 -0.62
C GLY B 24 -19.38 -21.61 -0.09
N SER B 25 -19.01 -21.81 1.18
CA SER B 25 -19.16 -23.12 1.80
C SER B 25 -19.40 -22.98 3.30
N GLY B 26 -19.92 -24.04 3.91
CA GLY B 26 -20.21 -24.02 5.34
C GLY B 26 -21.54 -23.35 5.66
N TYR B 27 -22.36 -23.13 4.64
CA TYR B 27 -23.69 -22.54 4.85
C TYR B 27 -24.58 -22.76 3.64
N SER B 28 -25.86 -22.40 3.78
CA SER B 28 -26.81 -22.53 2.69
C SER B 28 -26.66 -21.37 1.71
N PHE B 29 -25.96 -21.62 0.61
CA PHE B 29 -25.59 -20.56 -0.33
C PHE B 29 -26.77 -19.71 -0.82
N THR B 30 -27.91 -20.35 -1.06
CA THR B 30 -29.04 -19.63 -1.61
C THR B 30 -29.73 -18.67 -0.64
N ASN B 31 -29.47 -18.82 0.66
CA ASN B 31 -30.17 -18.03 1.69
C ASN B 31 -29.55 -16.69 2.04
N TYR B 32 -28.39 -16.38 1.47
CA TYR B 32 -27.71 -15.13 1.79
C TYR B 32 -27.30 -14.43 0.51
N TRP B 33 -27.53 -13.14 0.44
CA TRP B 33 -27.09 -12.36 -0.71
C TRP B 33 -25.57 -12.18 -0.67
N ILE B 34 -25.00 -11.93 -1.83
CA ILE B 34 -23.56 -11.66 -1.99
C ILE B 34 -23.36 -10.27 -2.57
N SER B 35 -22.51 -9.48 -1.93
CA SER B 35 -22.12 -8.17 -2.45
C SER B 35 -20.72 -8.27 -3.02
N TRP B 36 -20.43 -7.41 -3.99
CA TRP B 36 -19.05 -7.24 -4.45
C TRP B 36 -18.55 -5.84 -4.10
N VAL B 37 -17.28 -5.77 -3.74
CA VAL B 37 -16.70 -4.53 -3.24
C VAL B 37 -15.36 -4.31 -3.90
N ARG B 38 -15.12 -3.08 -4.35
CA ARG B 38 -13.86 -2.73 -5.01
C ARG B 38 -12.94 -1.95 -4.07
N GLN B 39 -11.65 -2.25 -4.13
CA GLN B 39 -10.67 -1.47 -3.38
C GLN B 39 -9.49 -1.19 -4.28
N MET B 40 -9.44 0.03 -4.80
CA MET B 40 -8.35 0.45 -5.68
C MET B 40 -7.08 0.55 -4.86
N PRO B 41 -5.91 0.39 -5.50
CA PRO B 41 -4.64 0.45 -4.77
C PRO B 41 -4.54 1.73 -3.92
N GLY B 42 -4.32 1.55 -2.62
CA GLY B 42 -4.13 2.66 -1.71
C GLY B 42 -5.39 3.41 -1.34
N LYS B 43 -6.54 2.87 -1.73
CA LYS B 43 -7.81 3.56 -1.49
C LYS B 43 -8.75 2.75 -0.60
N GLY B 44 -9.94 3.27 -0.38
CA GLY B 44 -10.90 2.64 0.51
C GLY B 44 -11.81 1.62 -0.17
N LEU B 45 -12.86 1.24 0.54
CA LEU B 45 -13.80 0.26 0.03
C LEU B 45 -14.94 0.95 -0.71
N GLU B 46 -15.34 0.37 -1.83
CA GLU B 46 -16.47 0.87 -2.61
C GLU B 46 -17.47 -0.25 -2.88
N TRP B 47 -18.72 -0.07 -2.46
CA TRP B 47 -19.73 -1.09 -2.71
C TRP B 47 -20.17 -1.06 -4.18
N MET B 48 -20.15 -2.21 -4.84
CA MET B 48 -20.44 -2.26 -6.28
C MET B 48 -21.87 -2.66 -6.59
N GLY B 49 -22.38 -3.63 -5.84
CA GLY B 49 -23.68 -4.20 -6.11
C GLY B 49 -23.85 -5.51 -5.39
N PHE B 50 -25.03 -6.11 -5.50
CA PHE B 50 -25.27 -7.39 -4.87
C PHE B 50 -26.14 -8.27 -5.74
N ILE B 51 -26.16 -9.57 -5.41
CA ILE B 51 -27.09 -10.49 -6.04
C ILE B 51 -27.76 -11.34 -4.96
N ASP B 52 -29.04 -11.63 -5.16
CA ASP B 52 -29.75 -12.63 -4.37
C ASP B 52 -29.69 -13.94 -5.15
N PRO B 53 -28.92 -14.91 -4.64
CA PRO B 53 -28.73 -16.15 -5.41
C PRO B 53 -29.99 -17.00 -5.50
N SER B 54 -31.01 -16.69 -4.70
CA SER B 54 -32.23 -17.50 -4.73
C SER B 54 -33.11 -17.23 -5.95
N ASP B 55 -32.97 -16.05 -6.55
CA ASP B 55 -33.81 -15.69 -7.68
C ASP B 55 -33.06 -14.89 -8.74
N SER B 56 -31.76 -14.71 -8.52
CA SER B 56 -30.89 -14.09 -9.51
C SER B 56 -31.06 -12.56 -9.61
N TYR B 57 -31.83 -11.98 -8.70
CA TYR B 57 -32.03 -10.53 -8.66
C TYR B 57 -30.73 -9.78 -8.39
N THR B 58 -30.46 -8.73 -9.15
CA THR B 58 -29.25 -7.92 -8.94
C THR B 58 -29.57 -6.43 -8.75
N ASN B 59 -28.66 -5.74 -8.07
CA ASN B 59 -28.69 -4.29 -7.92
C ASN B 59 -27.28 -3.75 -7.98
N TYR B 60 -27.09 -2.64 -8.69
CA TYR B 60 -25.76 -2.04 -8.83
C TYR B 60 -25.75 -0.61 -8.30
N ALA B 61 -24.66 -0.23 -7.66
CA ALA B 61 -24.40 1.18 -7.37
C ALA B 61 -24.45 1.95 -8.69
N PRO B 62 -24.87 3.22 -8.64
CA PRO B 62 -25.01 4.04 -9.86
C PRO B 62 -23.79 4.03 -10.77
N SER B 63 -22.61 4.18 -10.19
CA SER B 63 -21.38 4.30 -10.99
C SER B 63 -20.94 2.96 -11.59
N PHE B 64 -21.52 1.87 -11.12
CA PHE B 64 -21.16 0.54 -11.62
C PHE B 64 -22.22 -0.04 -12.54
N GLN B 65 -23.39 0.59 -12.56
CA GLN B 65 -24.46 0.15 -13.45
C GLN B 65 -23.97 0.17 -14.90
N GLY B 66 -24.16 -0.95 -15.59
CA GLY B 66 -23.80 -1.05 -16.99
C GLY B 66 -22.31 -1.20 -17.22
N GLN B 67 -21.53 -1.23 -16.15
CA GLN B 67 -20.08 -1.31 -16.25
C GLN B 67 -19.56 -2.71 -15.93
N VAL B 68 -20.37 -3.48 -15.22
CA VAL B 68 -19.96 -4.81 -14.78
C VAL B 68 -21.22 -5.68 -14.61
N THR B 69 -21.07 -7.00 -14.64
CA THR B 69 -22.21 -7.90 -14.42
C THR B 69 -21.96 -8.86 -13.26
N ILE B 70 -22.86 -8.84 -12.29
CA ILE B 70 -22.82 -9.79 -11.18
C ILE B 70 -23.77 -10.93 -11.49
N SER B 71 -23.33 -12.16 -11.25
CA SER B 71 -24.18 -13.33 -11.50
C SER B 71 -23.91 -14.42 -10.46
N ALA B 72 -24.69 -15.50 -10.50
CA ALA B 72 -24.48 -16.59 -9.57
C ALA B 72 -24.90 -17.93 -10.15
N ASP B 73 -24.30 -18.99 -9.61
CA ASP B 73 -24.66 -20.36 -9.97
C ASP B 73 -24.85 -21.15 -8.69
N LYS B 74 -26.08 -21.25 -8.21
CA LYS B 74 -26.34 -21.84 -6.90
C LYS B 74 -26.02 -23.33 -6.83
N SER B 75 -26.12 -24.03 -7.96
CA SER B 75 -25.80 -25.45 -7.98
C SER B 75 -24.38 -25.73 -7.48
N ILE B 76 -23.48 -24.77 -7.69
CA ILE B 76 -22.11 -24.91 -7.23
C ILE B 76 -21.74 -23.81 -6.23
N SER B 77 -22.76 -23.17 -5.65
CA SER B 77 -22.57 -22.18 -4.59
C SER B 77 -21.55 -21.13 -4.98
N THR B 78 -21.65 -20.60 -6.20
CA THR B 78 -20.66 -19.65 -6.68
C THR B 78 -21.30 -18.38 -7.20
N ALA B 79 -20.68 -17.24 -6.87
CA ALA B 79 -21.08 -15.95 -7.40
C ALA B 79 -19.96 -15.41 -8.29
N TYR B 80 -20.33 -14.59 -9.27
CA TYR B 80 -19.35 -14.10 -10.23
C TYR B 80 -19.40 -12.59 -10.41
N LEU B 81 -18.27 -12.02 -10.82
CA LEU B 81 -18.19 -10.63 -11.23
C LEU B 81 -17.49 -10.60 -12.58
N GLN B 82 -18.06 -9.90 -13.56
CA GLN B 82 -17.49 -9.93 -14.91
C GLN B 82 -17.54 -8.61 -15.67
N TRP B 83 -16.57 -8.46 -16.57
CA TRP B 83 -16.42 -7.30 -17.41
C TRP B 83 -16.31 -7.81 -18.84
N SER B 84 -17.00 -7.19 -19.77
CA SER B 84 -16.85 -7.55 -21.19
C SER B 84 -15.59 -6.92 -21.79
N SER B 85 -15.21 -5.76 -21.30
CA SER B 85 -14.07 -5.02 -21.83
C SER B 85 -13.37 -4.23 -20.74
N LEU B 86 -12.26 -4.78 -20.23
CA LEU B 86 -11.54 -4.14 -19.14
C LEU B 86 -10.87 -2.83 -19.55
N LYS B 87 -10.66 -1.96 -18.57
CA LYS B 87 -9.87 -0.75 -18.72
C LYS B 87 -8.81 -0.73 -17.62
N ALA B 88 -7.73 0.01 -17.82
CA ALA B 88 -6.70 0.11 -16.79
C ALA B 88 -7.29 0.58 -15.46
N SER B 89 -8.31 1.44 -15.54
CA SER B 89 -8.96 1.98 -14.34
C SER B 89 -9.71 0.93 -13.52
N ASP B 90 -9.85 -0.27 -14.07
CA ASP B 90 -10.45 -1.37 -13.31
C ASP B 90 -9.45 -2.08 -12.38
N THR B 91 -8.20 -1.64 -12.43
CA THR B 91 -7.17 -2.21 -11.56
C THR B 91 -7.54 -2.00 -10.10
N ALA B 92 -7.68 -3.10 -9.37
CA ALA B 92 -8.16 -3.07 -7.99
C ALA B 92 -8.15 -4.44 -7.36
N MET B 93 -8.29 -4.47 -6.04
CA MET B 93 -8.63 -5.70 -5.34
C MET B 93 -10.14 -5.75 -5.29
N TYR B 94 -10.70 -6.92 -5.57
CA TYR B 94 -12.15 -7.13 -5.54
C TYR B 94 -12.50 -8.18 -4.50
N TYR B 95 -13.45 -7.83 -3.63
CA TYR B 95 -13.92 -8.75 -2.58
C TYR B 95 -15.37 -9.12 -2.81
N CYS B 96 -15.69 -10.37 -2.52
CA CYS B 96 -17.10 -10.74 -2.36
C CYS B 96 -17.36 -10.83 -0.88
N ALA B 97 -18.61 -10.59 -0.48
CA ALA B 97 -18.95 -10.59 0.92
C ALA B 97 -20.37 -11.11 1.11
N ARG B 98 -20.55 -11.92 2.14
CA ARG B 98 -21.87 -12.42 2.48
C ARG B 98 -22.63 -11.35 3.24
N GLN B 99 -23.90 -11.20 2.94
CA GLN B 99 -24.75 -10.30 3.70
C GLN B 99 -25.54 -11.09 4.75
N LEU B 100 -25.43 -10.63 5.99
CA LEU B 100 -26.28 -11.13 7.06
C LEU B 100 -27.11 -9.95 7.53
N TYR B 101 -28.42 -10.08 7.42
CA TYR B 101 -29.31 -9.02 7.86
C TYR B 101 -29.48 -9.11 9.37
N GLN B 102 -28.94 -8.13 10.07
CA GLN B 102 -29.07 -8.09 11.53
C GLN B 102 -29.15 -6.65 12.00
N GLY B 103 -29.88 -6.39 13.08
CA GLY B 103 -30.08 -5.02 13.51
C GLY B 103 -30.80 -4.25 12.42
N TYR B 104 -31.57 -4.98 11.62
CA TYR B 104 -32.38 -4.42 10.53
C TYR B 104 -31.56 -3.71 9.46
N MET B 105 -30.33 -4.18 9.26
CA MET B 105 -29.54 -3.71 8.12
C MET B 105 -28.70 -4.86 7.57
N ASP B 106 -28.32 -4.75 6.30
CA ASP B 106 -27.40 -5.70 5.72
C ASP B 106 -26.00 -5.45 6.28
N THR B 107 -25.37 -6.51 6.77
CA THR B 107 -24.00 -6.42 7.25
C THR B 107 -23.16 -7.42 6.48
N PHE B 108 -21.89 -7.11 6.28
CA PHE B 108 -21.02 -8.01 5.54
C PHE B 108 -20.25 -8.85 6.55
N ASP B 109 -20.84 -9.98 6.93
CA ASP B 109 -20.35 -10.75 8.06
C ASP B 109 -19.23 -11.73 7.72
N SER B 110 -19.04 -11.99 6.42
CA SER B 110 -17.98 -12.89 5.99
C SER B 110 -17.47 -12.45 4.62
N TRP B 111 -16.15 -12.34 4.49
CA TRP B 111 -15.55 -11.81 3.28
C TRP B 111 -14.64 -12.83 2.62
N GLY B 112 -14.61 -12.82 1.29
CA GLY B 112 -13.62 -13.59 0.54
C GLY B 112 -12.24 -13.01 0.79
N GLN B 113 -11.20 -13.71 0.36
CA GLN B 113 -9.84 -13.27 0.63
C GLN B 113 -9.39 -12.18 -0.34
N GLY B 114 -10.23 -11.88 -1.31
CA GLY B 114 -9.94 -10.87 -2.32
C GLY B 114 -9.28 -11.45 -3.54
N THR B 115 -9.55 -10.82 -4.69
CA THR B 115 -8.90 -11.17 -5.96
C THR B 115 -8.27 -9.90 -6.51
N LEU B 116 -6.95 -9.92 -6.71
CA LEU B 116 -6.24 -8.79 -7.27
C LEU B 116 -6.36 -8.80 -8.78
N VAL B 117 -6.93 -7.74 -9.34
CA VAL B 117 -7.01 -7.60 -10.79
C VAL B 117 -6.15 -6.42 -11.25
N THR B 118 -5.14 -6.71 -12.06
CA THR B 118 -4.27 -5.68 -12.64
C THR B 118 -4.52 -5.57 -14.14
N VAL B 119 -4.87 -4.38 -14.62
CA VAL B 119 -5.15 -4.19 -16.03
C VAL B 119 -4.19 -3.14 -16.57
N SER B 120 -3.41 -3.51 -17.59
CA SER B 120 -2.41 -2.61 -18.13
C SER B 120 -2.06 -3.00 -19.56
N SER B 121 -1.65 -2.02 -20.35
CA SER B 121 -1.15 -2.32 -21.69
C SER B 121 0.27 -2.86 -21.67
N ALA B 122 0.90 -2.84 -20.49
CA ALA B 122 2.28 -3.31 -20.36
C ALA B 122 2.38 -4.81 -20.59
N SER B 123 3.55 -5.23 -21.04
CA SER B 123 3.84 -6.65 -21.20
C SER B 123 4.83 -7.12 -20.13
N THR B 124 4.77 -8.41 -19.82
CA THR B 124 5.65 -9.02 -18.85
C THR B 124 7.10 -8.70 -19.17
N LYS B 125 7.83 -8.28 -18.14
CA LYS B 125 9.21 -7.88 -18.30
C LYS B 125 9.92 -8.01 -16.96
N GLY B 126 11.05 -8.71 -16.95
CA GLY B 126 11.86 -8.80 -15.74
C GLY B 126 12.65 -7.54 -15.44
N PRO B 127 13.03 -7.36 -14.17
CA PRO B 127 13.72 -6.11 -13.80
C PRO B 127 15.19 -6.04 -14.20
N SER B 128 15.66 -4.82 -14.33
CA SER B 128 17.08 -4.52 -14.27
C SER B 128 17.39 -4.18 -12.82
N VAL B 129 18.57 -4.59 -12.36
CA VAL B 129 18.94 -4.35 -10.96
C VAL B 129 20.24 -3.59 -10.89
N PHE B 130 20.23 -2.45 -10.18
CA PHE B 130 21.39 -1.57 -10.10
C PHE B 130 21.80 -1.38 -8.64
N PRO B 131 23.10 -1.28 -8.37
CA PRO B 131 23.56 -1.06 -7.00
C PRO B 131 23.21 0.36 -6.51
N LEU B 132 22.95 0.45 -5.21
CA LEU B 132 22.86 1.73 -4.49
C LEU B 132 24.02 1.73 -3.49
N ALA B 133 25.04 2.54 -3.77
CA ALA B 133 26.23 2.60 -2.92
C ALA B 133 26.66 4.06 -2.78
N PRO B 134 27.23 4.40 -1.62
CA PRO B 134 27.63 5.79 -1.42
C PRO B 134 28.84 6.14 -2.30
N CYS B 135 28.95 7.43 -2.62
CA CYS B 135 30.17 7.95 -3.20
C CYS B 135 31.34 7.58 -2.31
N SER B 136 32.52 7.44 -2.91
CA SER B 136 33.70 6.93 -2.18
C SER B 136 34.04 7.58 -0.83
N ARG B 137 33.98 8.90 -0.76
CA ARG B 137 34.41 9.58 0.47
C ARG B 137 33.26 10.14 1.30
N SER B 138 32.06 9.61 1.11
CA SER B 138 30.90 10.23 1.71
C SER B 138 30.50 9.55 3.03
N THR B 139 31.06 8.38 3.30
CA THR B 139 30.71 7.62 4.49
C THR B 139 31.39 8.20 5.72
N SER B 140 30.67 9.02 6.47
CA SER B 140 31.25 9.74 7.60
C SER B 140 30.56 9.38 8.92
N GLU B 141 29.96 8.20 8.97
CA GLU B 141 29.33 7.73 10.19
C GLU B 141 29.66 6.25 10.43
N SER B 142 29.34 5.76 11.62
CA SER B 142 29.67 4.37 11.97
C SER B 142 28.77 3.37 11.23
N THR B 143 27.66 3.84 10.69
CA THR B 143 26.79 2.98 9.89
C THR B 143 26.54 3.57 8.51
N ALA B 144 26.49 2.70 7.52
CA ALA B 144 26.29 3.14 6.15
C ALA B 144 25.10 2.41 5.58
N ALA B 145 24.50 3.01 4.56
CA ALA B 145 23.41 2.34 3.87
C ALA B 145 23.85 1.87 2.51
N LEU B 146 23.34 0.71 2.12
CA LEU B 146 23.59 0.15 0.80
C LEU B 146 22.25 -0.33 0.28
N GLY B 147 22.17 -0.60 -1.01
CA GLY B 147 20.90 -1.06 -1.53
C GLY B 147 20.93 -1.55 -2.96
N CYS B 148 19.75 -1.92 -3.46
CA CYS B 148 19.57 -2.22 -4.87
C CYS B 148 18.34 -1.49 -5.41
N LEU B 149 18.47 -0.95 -6.61
CA LEU B 149 17.36 -0.36 -7.33
C LEU B 149 16.86 -1.39 -8.34
N VAL B 150 15.59 -1.76 -8.19
CA VAL B 150 14.98 -2.82 -9.00
C VAL B 150 14.04 -2.13 -9.98
N LYS B 151 14.48 -1.96 -11.22
CA LYS B 151 13.79 -1.05 -12.13
CA LYS B 151 13.77 -1.05 -12.11
C LYS B 151 13.18 -1.69 -13.37
N ASP B 152 12.06 -1.13 -13.83
CA ASP B 152 11.44 -1.47 -15.11
C ASP B 152 10.98 -2.92 -15.22
N TYR B 153 10.10 -3.32 -14.32
CA TYR B 153 9.53 -4.65 -14.42
C TYR B 153 8.01 -4.59 -14.44
N PHE B 154 7.41 -5.67 -14.92
CA PHE B 154 5.95 -5.81 -14.93
C PHE B 154 5.58 -7.28 -15.04
N PRO B 155 4.53 -7.71 -14.31
CA PRO B 155 3.77 -6.97 -13.29
C PRO B 155 4.44 -7.15 -11.92
N GLU B 156 3.84 -6.63 -10.87
CA GLU B 156 4.29 -6.96 -9.53
C GLU B 156 4.00 -8.44 -9.29
N PRO B 157 4.68 -9.05 -8.32
CA PRO B 157 5.69 -8.48 -7.42
C PRO B 157 7.08 -9.01 -7.74
N VAL B 158 8.08 -8.43 -7.09
CA VAL B 158 9.41 -9.03 -7.03
C VAL B 158 9.65 -9.39 -5.58
N THR B 159 10.59 -10.28 -5.33
CA THR B 159 11.01 -10.54 -3.96
C THR B 159 12.50 -10.24 -3.90
N VAL B 160 12.92 -9.58 -2.84
CA VAL B 160 14.32 -9.23 -2.66
C VAL B 160 14.88 -9.82 -1.38
N SER B 161 15.96 -10.58 -1.51
CA SER B 161 16.71 -11.03 -0.36
C SER B 161 18.11 -10.44 -0.39
N TRP B 162 18.80 -10.53 0.75
CA TRP B 162 20.16 -10.04 0.88
C TRP B 162 21.09 -11.15 1.36
N ASN B 163 22.22 -11.28 0.67
CA ASN B 163 23.18 -12.36 0.93
C ASN B 163 22.49 -13.71 1.05
N SER B 164 21.65 -14.00 0.05
CA SER B 164 20.97 -15.28 -0.06
C SER B 164 20.11 -15.61 1.15
N GLY B 165 19.67 -14.57 1.87
CA GLY B 165 18.81 -14.75 3.03
C GLY B 165 19.52 -14.64 4.36
N ALA B 166 20.86 -14.60 4.32
CA ALA B 166 21.65 -14.50 5.54
C ALA B 166 21.46 -13.15 6.24
N LEU B 167 21.19 -12.11 5.45
CA LEU B 167 21.08 -10.76 6.00
C LEU B 167 19.63 -10.31 6.01
N THR B 168 19.07 -10.13 7.21
CA THR B 168 17.67 -9.71 7.33
C THR B 168 17.50 -8.49 8.24
N SER B 169 18.40 -8.32 9.20
CA SER B 169 18.32 -7.19 10.12
C SER B 169 18.59 -5.86 9.41
N GLY B 170 17.73 -4.88 9.63
CA GLY B 170 17.90 -3.56 9.05
C GLY B 170 17.59 -3.44 7.55
N VAL B 171 16.98 -4.47 6.97
CA VAL B 171 16.54 -4.41 5.57
C VAL B 171 15.22 -3.64 5.46
N HIS B 172 15.14 -2.71 4.52
CA HIS B 172 13.86 -2.10 4.17
C HIS B 172 13.62 -2.24 2.69
N THR B 173 12.59 -2.98 2.32
CA THR B 173 12.21 -3.07 0.93
C THR B 173 10.95 -2.28 0.71
N PHE B 174 11.05 -1.25 -0.13
CA PHE B 174 9.99 -0.26 -0.26
C PHE B 174 8.86 -0.72 -1.18
N PRO B 175 7.66 -0.13 -1.03
CA PRO B 175 6.60 -0.40 -2.00
C PRO B 175 7.03 0.06 -3.37
N ALA B 176 6.68 -0.70 -4.39
CA ALA B 176 7.00 -0.30 -5.75
C ALA B 176 6.23 0.97 -6.14
N VAL B 177 6.80 1.77 -7.03
CA VAL B 177 6.07 2.86 -7.66
C VAL B 177 5.81 2.48 -9.13
N LEU B 178 4.66 2.89 -9.66
CA LEU B 178 4.34 2.70 -11.06
C LEU B 178 4.83 3.91 -11.87
N GLN B 179 5.77 3.68 -12.77
CA GLN B 179 6.34 4.76 -13.57
C GLN B 179 5.43 5.12 -14.74
N SER B 180 5.66 6.29 -15.33
CA SER B 180 4.86 6.72 -16.48
C SER B 180 4.98 5.74 -17.66
N SER B 181 6.07 4.99 -17.69
CA SER B 181 6.27 3.98 -18.72
C SER B 181 5.32 2.80 -18.60
N GLY B 182 4.64 2.67 -17.46
CA GLY B 182 3.81 1.52 -17.19
C GLY B 182 4.54 0.38 -16.51
N LEU B 183 5.82 0.58 -16.25
CA LEU B 183 6.64 -0.40 -15.54
C LEU B 183 6.89 0.04 -14.10
N TYR B 184 7.09 -0.92 -13.21
CA TYR B 184 7.32 -0.66 -11.78
C TYR B 184 8.80 -0.48 -11.47
N SER B 185 9.08 0.13 -10.33
CA SER B 185 10.46 0.31 -9.85
C SER B 185 10.38 0.31 -8.32
N LEU B 186 11.32 -0.37 -7.67
CA LEU B 186 11.39 -0.31 -6.21
C LEU B 186 12.83 -0.33 -5.79
N SER B 187 13.06 0.06 -4.55
CA SER B 187 14.39 -0.06 -3.96
CA SER B 187 14.38 -0.06 -3.95
C SER B 187 14.33 -0.92 -2.72
N SER B 188 15.44 -1.60 -2.44
CA SER B 188 15.60 -2.32 -1.19
C SER B 188 16.90 -1.83 -0.61
N VAL B 189 16.91 -1.50 0.67
CA VAL B 189 18.13 -1.00 1.29
C VAL B 189 18.44 -1.74 2.57
N VAL B 190 19.68 -1.62 3.03
CA VAL B 190 20.08 -2.22 4.28
C VAL B 190 21.12 -1.34 4.92
N THR B 191 21.07 -1.19 6.25
CA THR B 191 22.12 -0.45 6.92
C THR B 191 23.09 -1.42 7.59
N VAL B 192 24.39 -1.14 7.43
CA VAL B 192 25.44 -2.03 7.90
C VAL B 192 26.56 -1.22 8.55
N PRO B 193 27.47 -1.90 9.30
CA PRO B 193 28.56 -1.12 9.90
C PRO B 193 29.50 -0.59 8.82
N SER B 194 29.89 0.68 8.96
CA SER B 194 30.76 1.31 7.97
C SER B 194 32.11 0.62 7.85
N SER B 195 32.57 0.03 8.95
CA SER B 195 33.85 -0.67 8.97
C SER B 195 33.84 -1.90 8.07
N SER B 196 32.65 -2.42 7.78
CA SER B 196 32.52 -3.66 7.03
C SER B 196 32.52 -3.45 5.52
N LEU B 197 32.36 -2.21 5.09
CA LEU B 197 32.28 -1.87 3.67
C LEU B 197 33.43 -2.42 2.83
N GLY B 198 34.61 -2.56 3.43
CA GLY B 198 35.77 -3.05 2.71
C GLY B 198 36.08 -4.50 2.95
N THR B 199 35.38 -5.12 3.90
CA THR B 199 35.66 -6.49 4.29
C THR B 199 34.58 -7.48 3.84
N LYS B 200 33.33 -7.11 4.07
CA LYS B 200 32.20 -8.00 3.79
C LYS B 200 31.53 -7.64 2.46
N THR B 201 30.97 -8.64 1.78
CA THR B 201 30.26 -8.39 0.53
C THR B 201 28.76 -8.36 0.77
N TYR B 202 28.07 -7.49 0.04
CA TYR B 202 26.62 -7.40 0.12
C TYR B 202 26.03 -7.53 -1.27
N THR B 203 25.14 -8.52 -1.41
CA THR B 203 24.54 -8.84 -2.70
C THR B 203 23.02 -8.92 -2.53
N CYS B 204 22.28 -8.27 -3.42
CA CYS B 204 20.83 -8.44 -3.37
C CYS B 204 20.41 -9.51 -4.36
N ASN B 205 19.42 -10.31 -3.98
CA ASN B 205 18.94 -11.38 -4.84
C ASN B 205 17.51 -11.08 -5.22
N VAL B 206 17.26 -10.83 -6.51
CA VAL B 206 15.96 -10.34 -6.94
C VAL B 206 15.22 -11.34 -7.82
N ASP B 207 14.11 -11.87 -7.31
CA ASP B 207 13.32 -12.87 -8.01
C ASP B 207 12.08 -12.21 -8.61
N HIS B 208 11.78 -12.51 -9.89
CA HIS B 208 10.55 -12.01 -10.51
C HIS B 208 9.85 -13.18 -11.18
N LYS B 209 8.92 -13.78 -10.45
CA LYS B 209 8.25 -14.99 -10.92
C LYS B 209 7.54 -14.85 -12.28
N PRO B 210 6.82 -13.74 -12.50
CA PRO B 210 6.07 -13.60 -13.76
C PRO B 210 6.94 -13.70 -15.02
N SER B 211 8.20 -13.27 -14.96
CA SER B 211 9.08 -13.37 -16.12
C SER B 211 10.05 -14.55 -16.02
N ASN B 212 9.97 -15.25 -14.89
CA ASN B 212 10.84 -16.39 -14.60
C ASN B 212 12.32 -15.99 -14.58
N THR B 213 12.59 -14.81 -14.03
CA THR B 213 13.96 -14.30 -13.98
C THR B 213 14.45 -14.17 -12.55
N LYS B 214 15.77 -14.21 -12.40
CA LYS B 214 16.41 -13.96 -11.12
C LYS B 214 17.72 -13.24 -11.39
N VAL B 215 17.92 -12.13 -10.68
CA VAL B 215 19.13 -11.33 -10.84
C VAL B 215 19.80 -11.09 -9.48
N ASP B 216 21.09 -11.42 -9.39
CA ASP B 216 21.91 -11.07 -8.23
C ASP B 216 22.76 -9.86 -8.57
N LYS B 217 22.94 -8.97 -7.61
CA LYS B 217 23.79 -7.79 -7.82
C LYS B 217 24.65 -7.56 -6.60
N ARG B 218 25.97 -7.69 -6.76
CA ARG B 218 26.90 -7.30 -5.70
C ARG B 218 26.93 -5.78 -5.63
N VAL B 219 26.73 -5.25 -4.44
CA VAL B 219 26.63 -3.81 -4.31
C VAL B 219 27.99 -3.19 -3.98
N HIS B 220 28.45 -2.32 -4.86
CA HIS B 220 29.66 -1.58 -4.57
C HIS B 220 29.73 -0.29 -5.39
N HIS B 221 30.78 0.49 -5.16
CA HIS B 221 31.02 1.71 -5.91
C HIS B 221 32.44 1.64 -6.50
N HIS B 222 32.54 1.59 -7.82
CA HIS B 222 33.84 1.49 -8.47
C HIS B 222 34.62 2.79 -8.31
N HIS B 223 35.96 2.71 -8.30
CA HIS B 223 36.76 3.90 -8.01
C HIS B 223 37.07 4.76 -9.24
N HIS B 224 36.57 4.33 -10.39
CA HIS B 224 36.60 5.15 -11.60
C HIS B 224 35.28 4.96 -12.35
N HIS B 225 35.00 5.84 -13.30
CA HIS B 225 33.74 5.81 -14.02
C HIS B 225 33.91 6.16 -15.49
ZN ZN C . 22.94 22.41 -14.61
ZN ZN D . 16.42 1.28 8.83
C ACT E . 23.54 22.83 -17.29
O ACT E . 22.31 22.72 -17.36
OXT ACT E . 24.06 22.81 -16.15
CH3 ACT E . 24.43 22.99 -18.49
C1 GOL F . 12.04 5.06 -4.75
O1 GOL F . 11.29 6.24 -4.61
C2 GOL F . 11.05 3.90 -4.88
O2 GOL F . 11.07 3.33 -6.19
C3 GOL F . 11.40 2.81 -3.86
O3 GOL F . 10.50 1.73 -4.07
ZN ZN G . 33.20 7.16 -7.70
ZN ZN H . -34.79 -11.99 -4.17
C ACT I . 35.83 7.65 -7.36
O ACT I . 34.97 6.96 -6.80
OXT ACT I . 35.46 8.26 -8.38
CH3 ACT I . 37.23 7.76 -6.81
#